data_2Q00
#
_entry.id   2Q00
#
_cell.length_a   87.927
_cell.length_b   87.927
_cell.length_c   176.870
_cell.angle_alpha   90.00
_cell.angle_beta   90.00
_cell.angle_gamma   90.00
#
_symmetry.space_group_name_H-M   'I 41 2 2'
#
loop_
_entity.id
_entity.type
_entity.pdbx_description
1 polymer 'Orf c02003 protein'
2 water water
#
_entity_poly.entity_id   1
_entity_poly.type   'polypeptide(L)'
_entity_poly.pdbx_seq_one_letter_code
;MSISTSAEVYYEEAEEFLSKGDLVQACEKYYKAAEEAIKLLVIENNLKEITNNVKNKGRWKSENLFKASKLLRSNNTEIP
ILWKSAWTLHVEGFHELSLNEKEVKKLKEDVRKLVIFAVNSLEHHHHHH
;
_entity_poly.pdbx_strand_id   A,B
#
# COMPACT_ATOMS: atom_id res chain seq x y z
N SER A 2 -3.81 -10.08 -8.35
CA SER A 2 -3.64 -11.08 -7.25
C SER A 2 -2.92 -10.45 -6.06
N ILE A 3 -2.26 -9.33 -6.31
CA ILE A 3 -1.53 -8.61 -5.27
C ILE A 3 -2.04 -7.18 -5.31
N SER A 4 -2.42 -6.65 -4.15
CA SER A 4 -2.96 -5.31 -4.05
C SER A 4 -2.03 -4.22 -4.60
N THR A 5 -2.65 -3.20 -5.18
CA THR A 5 -1.91 -2.09 -5.72
C THR A 5 -1.69 -1.13 -4.58
N SER A 6 -0.78 -0.18 -4.75
CA SER A 6 -0.54 0.80 -3.70
C SER A 6 -1.84 1.60 -3.50
N ALA A 7 -2.58 1.81 -4.58
CA ALA A 7 -3.84 2.55 -4.55
C ALA A 7 -4.82 1.85 -3.61
N GLU A 8 -5.01 0.55 -3.83
CA GLU A 8 -5.93 -0.25 -3.01
C GLU A 8 -5.56 -0.26 -1.55
N VAL A 9 -4.27 -0.25 -1.26
CA VAL A 9 -3.78 -0.29 0.11
C VAL A 9 -4.07 1.02 0.87
N TYR A 10 -3.81 2.15 0.22
CA TYR A 10 -4.10 3.44 0.84
C TYR A 10 -5.58 3.55 1.15
N TYR A 11 -6.41 3.10 0.21
CA TYR A 11 -7.86 3.14 0.39
C TYR A 11 -8.27 2.34 1.64
N GLU A 12 -7.80 1.10 1.73
CA GLU A 12 -8.12 0.26 2.87
C GLU A 12 -7.68 0.93 4.17
N GLU A 13 -6.48 1.53 4.18
CA GLU A 13 -6.01 2.22 5.38
C GLU A 13 -6.88 3.46 5.67
N ALA A 14 -7.38 4.13 4.63
CA ALA A 14 -8.23 5.29 4.82
C ALA A 14 -9.54 4.78 5.47
N GLU A 15 -10.05 3.67 4.93
CA GLU A 15 -11.27 3.06 5.45
C GLU A 15 -11.13 2.74 6.95
N GLU A 16 -9.97 2.21 7.35
CA GLU A 16 -9.75 1.87 8.76
C GLU A 16 -9.86 3.09 9.65
N PHE A 17 -9.15 4.15 9.28
CA PHE A 17 -9.15 5.41 10.03
C PHE A 17 -10.55 5.99 10.14
N LEU A 18 -11.30 5.91 9.05
CA LEU A 18 -12.67 6.41 9.01
C LEU A 18 -13.49 5.67 10.08
N SER A 19 -13.40 4.34 10.04
CA SER A 19 -14.11 3.48 10.98
C SER A 19 -13.81 3.79 12.43
N LYS A 20 -12.61 4.29 12.70
CA LYS A 20 -12.23 4.63 14.07
C LYS A 20 -12.44 6.12 14.34
N GLY A 21 -13.08 6.81 13.41
CA GLY A 21 -13.33 8.23 13.58
C GLY A 21 -12.17 9.17 13.29
N ASP A 22 -11.04 8.65 12.82
CA ASP A 22 -9.89 9.52 12.53
C ASP A 22 -10.05 10.11 11.12
N LEU A 23 -10.90 11.12 11.01
CA LEU A 23 -11.17 11.77 9.73
C LEU A 23 -9.98 12.43 9.07
N VAL A 24 -9.12 13.07 9.87
CA VAL A 24 -7.94 13.74 9.35
C VAL A 24 -7.00 12.78 8.63
N GLN A 25 -6.77 11.64 9.26
CA GLN A 25 -5.88 10.62 8.70
C GLN A 25 -6.50 9.96 7.49
N ALA A 26 -7.78 9.60 7.61
CA ALA A 26 -8.51 8.96 6.52
C ALA A 26 -8.46 9.81 5.26
N CYS A 27 -8.79 11.09 5.39
CA CYS A 27 -8.76 12.00 4.24
C CYS A 27 -7.44 11.94 3.50
N GLU A 28 -6.35 12.04 4.26
CA GLU A 28 -5.02 12.01 3.66
C GLU A 28 -4.73 10.67 2.96
N LYS A 29 -5.20 9.58 3.54
CA LYS A 29 -4.97 8.26 2.94
C LYS A 29 -5.80 8.10 1.69
N TYR A 30 -7.02 8.65 1.73
CA TYR A 30 -7.90 8.59 0.58
C TYR A 30 -7.26 9.38 -0.55
N TYR A 31 -6.65 10.51 -0.21
CA TYR A 31 -6.00 11.32 -1.23
C TYR A 31 -4.80 10.56 -1.80
N LYS A 32 -3.99 9.99 -0.93
CA LYS A 32 -2.82 9.22 -1.37
C LYS A 32 -3.29 8.06 -2.27
N ALA A 33 -4.43 7.48 -1.94
CA ALA A 33 -4.99 6.40 -2.73
C ALA A 33 -5.28 6.95 -4.12
N ALA A 34 -5.78 8.18 -4.17
CA ALA A 34 -6.10 8.82 -5.44
C ALA A 34 -4.85 9.14 -6.25
N GLU A 35 -3.82 9.62 -5.57
CA GLU A 35 -2.59 9.95 -6.26
C GLU A 35 -2.04 8.70 -6.96
N GLU A 36 -2.01 7.59 -6.23
CA GLU A 36 -1.51 6.32 -6.76
C GLU A 36 -2.35 5.83 -7.93
N ALA A 37 -3.66 6.06 -7.86
CA ALA A 37 -4.56 5.62 -8.93
C ALA A 37 -4.18 6.35 -10.21
N ILE A 38 -3.89 7.63 -10.09
CA ILE A 38 -3.51 8.44 -11.24
C ILE A 38 -2.17 7.96 -11.84
N LYS A 39 -1.17 7.77 -10.98
CA LYS A 39 0.13 7.30 -11.44
C LYS A 39 -0.06 5.97 -12.20
N LEU A 40 -0.80 5.06 -11.60
CA LEU A 40 -1.05 3.76 -12.23
C LEU A 40 -1.67 3.93 -13.60
N LEU A 41 -2.64 4.84 -13.68
CA LEU A 41 -3.34 5.10 -14.94
C LEU A 41 -2.44 5.78 -15.96
N VAL A 42 -1.54 6.64 -15.48
CA VAL A 42 -0.61 7.33 -16.37
C VAL A 42 0.31 6.27 -16.97
N ILE A 43 0.81 5.39 -16.11
CA ILE A 43 1.69 4.31 -16.51
C ILE A 43 1.03 3.39 -17.52
N GLU A 44 -0.19 2.95 -17.22
CA GLU A 44 -0.89 2.05 -18.14
C GLU A 44 -1.24 2.72 -19.47
N ASN A 45 -1.87 3.88 -19.44
CA ASN A 45 -2.21 4.57 -20.67
C ASN A 45 -0.95 5.07 -21.34
N ASN A 46 0.17 4.92 -20.63
CA ASN A 46 1.46 5.33 -21.15
C ASN A 46 1.50 6.79 -21.62
N LEU A 47 1.53 7.73 -20.68
CA LEU A 47 1.58 9.15 -21.00
C LEU A 47 2.95 9.74 -20.72
N LYS A 48 3.88 9.52 -21.65
CA LYS A 48 5.25 10.02 -21.53
C LYS A 48 5.27 11.50 -21.19
N GLU A 49 4.33 12.24 -21.76
CA GLU A 49 4.21 13.68 -21.55
C GLU A 49 4.40 14.11 -20.10
N ILE A 50 3.59 13.56 -19.22
CA ILE A 50 3.67 13.92 -17.80
C ILE A 50 4.79 13.19 -17.07
N THR A 51 5.06 11.95 -17.46
CA THR A 51 6.13 11.19 -16.82
C THR A 51 7.47 11.87 -17.06
N ASN A 52 7.60 12.54 -18.20
CA ASN A 52 8.84 13.24 -18.50
C ASN A 52 8.89 14.45 -17.58
N ASN A 53 7.71 15.02 -17.35
CA ASN A 53 7.55 16.18 -16.48
C ASN A 53 7.92 15.80 -15.03
N VAL A 54 8.10 14.51 -14.79
CA VAL A 54 8.45 14.02 -13.46
C VAL A 54 9.93 14.27 -13.13
N LYS A 55 10.15 15.04 -12.06
CA LYS A 55 11.50 15.38 -11.60
C LYS A 55 11.58 15.36 -10.07
N GLY A 58 9.95 10.28 -5.45
CA GLY A 58 8.88 9.99 -4.53
C GLY A 58 7.50 10.38 -5.05
N ARG A 59 6.86 11.34 -4.38
CA ARG A 59 5.52 11.81 -4.79
C ARG A 59 5.64 12.89 -5.87
N TRP A 60 4.55 13.09 -6.63
CA TRP A 60 4.54 14.08 -7.71
C TRP A 60 3.99 15.46 -7.33
N LYS A 61 4.17 16.42 -8.23
CA LYS A 61 3.68 17.79 -8.04
C LYS A 61 2.18 17.75 -8.34
N SER A 62 1.41 18.38 -7.47
CA SER A 62 -0.04 18.41 -7.63
C SER A 62 -0.47 18.79 -9.06
N GLU A 63 0.28 19.69 -9.70
CA GLU A 63 -0.04 20.13 -11.06
C GLU A 63 0.07 18.99 -12.07
N ASN A 64 1.00 18.07 -11.83
CA ASN A 64 1.17 16.91 -12.71
C ASN A 64 -0.08 16.05 -12.61
N LEU A 65 -0.54 15.82 -11.39
CA LEU A 65 -1.74 15.01 -11.16
C LEU A 65 -2.93 15.66 -11.84
N PHE A 66 -3.08 16.96 -11.62
CA PHE A 66 -4.17 17.69 -12.28
C PHE A 66 -4.02 17.52 -13.80
N LYS A 67 -2.82 17.75 -14.33
CA LYS A 67 -2.60 17.58 -15.77
C LYS A 67 -3.00 16.18 -16.16
N ALA A 68 -2.47 15.22 -15.42
CA ALA A 68 -2.73 13.82 -15.65
C ALA A 68 -4.22 13.51 -15.70
N SER A 69 -4.96 14.03 -14.73
CA SER A 69 -6.40 13.79 -14.68
C SER A 69 -7.07 14.37 -15.93
N LYS A 70 -6.67 15.57 -16.33
CA LYS A 70 -7.24 16.17 -17.53
C LYS A 70 -6.94 15.25 -18.70
N LEU A 71 -5.64 15.09 -18.99
CA LEU A 71 -5.18 14.24 -20.07
C LEU A 71 -5.88 12.90 -20.15
N LEU A 72 -6.31 12.37 -19.00
CA LEU A 72 -6.99 11.07 -18.98
C LEU A 72 -8.49 11.11 -19.31
N ARG A 73 -9.02 12.30 -19.54
CA ARG A 73 -10.44 12.46 -19.87
C ARG A 73 -10.82 11.67 -21.13
N SER A 74 -9.84 11.40 -21.98
CA SER A 74 -10.06 10.66 -23.22
C SER A 74 -10.34 9.18 -22.92
N ASN A 75 -9.64 8.64 -21.92
CA ASN A 75 -9.81 7.25 -21.52
C ASN A 75 -11.14 7.10 -20.76
N ASN A 76 -11.41 8.04 -19.86
CA ASN A 76 -12.64 8.01 -19.08
C ASN A 76 -13.02 9.42 -18.63
N THR A 77 -14.10 9.95 -19.21
CA THR A 77 -14.58 11.29 -18.91
C THR A 77 -14.66 11.68 -17.43
N GLU A 78 -14.96 10.72 -16.56
CA GLU A 78 -15.09 10.99 -15.12
C GLU A 78 -13.84 11.25 -14.28
N ILE A 79 -12.69 10.71 -14.65
CA ILE A 79 -11.55 10.89 -13.75
C ILE A 79 -11.14 12.32 -13.41
N PRO A 80 -11.27 13.26 -14.36
CA PRO A 80 -10.86 14.60 -13.95
C PRO A 80 -11.72 15.12 -12.80
N ILE A 81 -13.00 14.76 -12.76
CA ILE A 81 -13.84 15.20 -11.67
C ILE A 81 -13.72 14.34 -10.42
N LEU A 82 -13.33 13.08 -10.56
CA LEU A 82 -13.12 12.23 -9.39
C LEU A 82 -11.88 12.80 -8.71
N TRP A 83 -10.93 13.22 -9.53
CA TRP A 83 -9.71 13.80 -8.98
C TRP A 83 -9.99 15.03 -8.11
N LYS A 84 -10.92 15.89 -8.54
CA LYS A 84 -11.24 17.09 -7.76
C LYS A 84 -11.61 16.71 -6.32
N SER A 85 -12.48 15.71 -6.19
CA SER A 85 -12.91 15.21 -4.87
C SER A 85 -11.69 14.84 -4.03
N ALA A 86 -10.73 14.17 -4.68
CA ALA A 86 -9.53 13.76 -3.99
C ALA A 86 -8.82 15.03 -3.47
N TRP A 87 -8.74 16.04 -4.33
CA TRP A 87 -8.09 17.30 -3.97
C TRP A 87 -8.81 17.93 -2.79
N THR A 88 -10.13 17.93 -2.83
CA THR A 88 -10.94 18.51 -1.74
C THR A 88 -10.64 17.82 -0.43
N LEU A 89 -10.56 16.49 -0.49
CA LEU A 89 -10.25 15.71 0.69
C LEU A 89 -8.88 16.18 1.20
N HIS A 90 -7.95 16.36 0.27
CA HIS A 90 -6.60 16.78 0.61
C HIS A 90 -6.54 18.14 1.31
N VAL A 91 -7.04 19.17 0.64
CA VAL A 91 -7.02 20.53 1.20
C VAL A 91 -7.95 20.73 2.39
N GLU A 92 -9.24 20.86 2.12
CA GLU A 92 -10.25 21.07 3.16
C GLU A 92 -10.28 19.99 4.23
N GLY A 93 -9.85 18.79 3.89
CA GLY A 93 -9.88 17.70 4.84
C GLY A 93 -8.68 17.60 5.76
N PHE A 94 -7.57 17.14 5.22
CA PHE A 94 -6.34 16.97 5.99
C PHE A 94 -5.76 18.30 6.48
N HIS A 95 -5.66 19.28 5.59
CA HIS A 95 -5.08 20.56 5.94
C HIS A 95 -5.99 21.50 6.76
N GLU A 96 -7.17 21.82 6.21
CA GLU A 96 -8.09 22.72 6.88
C GLU A 96 -8.93 22.15 8.04
N LEU A 97 -9.01 20.81 8.12
CA LEU A 97 -9.77 20.18 9.20
C LEU A 97 -11.21 20.70 9.27
N SER A 98 -11.86 20.80 8.11
CA SER A 98 -13.22 21.33 8.06
C SER A 98 -14.30 20.48 7.37
N LEU A 99 -14.13 19.16 7.37
CA LEU A 99 -15.10 18.27 6.73
C LEU A 99 -15.77 17.34 7.73
N ASN A 100 -17.09 17.23 7.62
CA ASN A 100 -17.85 16.34 8.52
C ASN A 100 -17.76 14.91 7.98
N GLU A 101 -18.10 13.95 8.82
CA GLU A 101 -18.05 12.55 8.43
C GLU A 101 -18.89 12.26 7.18
N LYS A 102 -20.07 12.87 7.09
CA LYS A 102 -20.94 12.63 5.95
C LYS A 102 -20.28 13.11 4.67
N GLU A 103 -19.58 14.24 4.76
CA GLU A 103 -18.90 14.84 3.62
C GLU A 103 -17.71 14.00 3.14
N VAL A 104 -16.94 13.49 4.10
CA VAL A 104 -15.77 12.67 3.81
C VAL A 104 -16.21 11.41 3.07
N LYS A 105 -17.28 10.79 3.55
CA LYS A 105 -17.80 9.59 2.92
C LYS A 105 -18.17 9.86 1.48
N LYS A 106 -18.88 10.97 1.27
CA LYS A 106 -19.33 11.38 -0.05
C LYS A 106 -18.18 11.55 -1.04
N LEU A 107 -17.11 12.22 -0.61
CA LEU A 107 -15.96 12.45 -1.46
C LEU A 107 -15.14 11.17 -1.62
N LYS A 108 -14.87 10.48 -0.51
CA LYS A 108 -14.09 9.23 -0.55
C LYS A 108 -14.69 8.25 -1.56
N GLU A 109 -16.00 8.32 -1.75
CA GLU A 109 -16.67 7.42 -2.70
C GLU A 109 -16.17 7.69 -4.13
N ASP A 110 -15.82 8.93 -4.43
CA ASP A 110 -15.32 9.27 -5.76
C ASP A 110 -13.89 8.70 -5.91
N VAL A 111 -13.18 8.61 -4.78
CA VAL A 111 -11.84 8.04 -4.78
C VAL A 111 -11.93 6.54 -5.10
N ARG A 112 -12.89 5.86 -4.47
CA ARG A 112 -13.08 4.43 -4.69
C ARG A 112 -13.22 4.13 -6.18
N LYS A 113 -14.08 4.90 -6.84
CA LYS A 113 -14.34 4.73 -8.26
C LYS A 113 -13.07 4.96 -9.07
N LEU A 114 -12.26 5.89 -8.59
CA LEU A 114 -11.02 6.20 -9.27
C LEU A 114 -10.06 5.04 -9.09
N VAL A 115 -9.98 4.55 -7.85
CA VAL A 115 -9.08 3.46 -7.54
C VAL A 115 -9.36 2.25 -8.41
N ILE A 116 -10.62 1.86 -8.49
CA ILE A 116 -11.00 0.69 -9.28
C ILE A 116 -10.75 0.91 -10.77
N PHE A 117 -10.94 2.12 -11.26
CA PHE A 117 -10.69 2.36 -12.67
C PHE A 117 -9.24 2.01 -12.94
N ALA A 118 -8.35 2.45 -12.05
CA ALA A 118 -6.92 2.17 -12.20
C ALA A 118 -6.69 0.67 -12.22
N VAL A 119 -7.06 0.03 -11.12
CA VAL A 119 -6.93 -1.42 -10.99
C VAL A 119 -7.37 -2.15 -12.25
N ASN A 120 -8.40 -1.62 -12.90
CA ASN A 120 -8.92 -2.23 -14.12
C ASN A 120 -8.05 -1.99 -15.33
N SER A 121 -7.44 -0.82 -15.41
CA SER A 121 -6.58 -0.50 -16.55
C SER A 121 -5.41 -1.47 -16.63
N LEU A 122 -5.17 -2.20 -15.55
CA LEU A 122 -4.09 -3.17 -15.51
C LEU A 122 -4.53 -4.45 -16.21
N GLU A 123 -5.47 -5.15 -15.59
CA GLU A 123 -5.99 -6.39 -16.14
C GLU A 123 -7.13 -6.14 -17.13
N ILE B 3 4.00 3.13 -9.04
CA ILE B 3 5.43 3.10 -8.60
C ILE B 3 5.58 2.31 -7.30
N SER B 4 5.05 2.85 -6.19
CA SER B 4 5.14 2.17 -4.90
C SER B 4 4.36 0.86 -4.87
N THR B 5 4.94 -0.13 -4.21
CA THR B 5 4.36 -1.45 -4.06
C THR B 5 3.55 -1.44 -2.79
N SER B 6 2.70 -2.43 -2.62
CA SER B 6 1.89 -2.54 -1.40
C SER B 6 2.76 -2.75 -0.15
N ALA B 7 3.90 -3.42 -0.32
CA ALA B 7 4.80 -3.67 0.81
C ALA B 7 5.28 -2.35 1.37
N GLU B 8 5.77 -1.49 0.49
CA GLU B 8 6.27 -0.19 0.90
C GLU B 8 5.20 0.69 1.57
N VAL B 9 3.96 0.60 1.08
CA VAL B 9 2.87 1.39 1.64
C VAL B 9 2.52 0.96 3.07
N TYR B 10 2.54 -0.34 3.33
CA TYR B 10 2.27 -0.84 4.68
C TYR B 10 3.44 -0.49 5.59
N TYR B 11 4.64 -0.56 5.04
CA TYR B 11 5.83 -0.24 5.83
C TYR B 11 5.78 1.22 6.26
N GLU B 12 5.41 2.09 5.33
CA GLU B 12 5.31 3.51 5.57
C GLU B 12 4.31 3.78 6.70
N GLU B 13 3.13 3.16 6.62
CA GLU B 13 2.16 3.40 7.68
C GLU B 13 2.66 2.82 9.02
N ALA B 14 3.50 1.79 8.96
CA ALA B 14 4.03 1.18 10.18
C ALA B 14 5.01 2.15 10.84
N GLU B 15 5.83 2.80 10.02
CA GLU B 15 6.81 3.79 10.49
C GLU B 15 6.06 4.96 11.14
N GLU B 16 4.90 5.31 10.59
CA GLU B 16 4.12 6.40 11.15
C GLU B 16 3.63 6.01 12.54
N PHE B 17 3.01 4.83 12.64
CA PHE B 17 2.53 4.35 13.93
C PHE B 17 3.67 4.27 14.94
N LEU B 18 4.82 3.78 14.50
CA LEU B 18 5.99 3.66 15.36
C LEU B 18 6.37 5.00 16.00
N SER B 19 6.50 6.04 15.17
CA SER B 19 6.88 7.36 15.65
C SER B 19 5.89 7.95 16.66
N LYS B 20 4.72 7.34 16.78
CA LYS B 20 3.70 7.79 17.72
C LYS B 20 3.58 6.77 18.87
N GLY B 21 4.44 5.76 18.86
CA GLY B 21 4.40 4.76 19.91
C GLY B 21 3.19 3.84 19.95
N ASP B 22 2.47 3.71 18.83
CA ASP B 22 1.31 2.81 18.77
C ASP B 22 1.86 1.47 18.30
N LEU B 23 2.70 0.86 19.14
CA LEU B 23 3.34 -0.40 18.81
C LEU B 23 2.44 -1.50 18.26
N VAL B 24 1.21 -1.59 18.76
CA VAL B 24 0.29 -2.63 18.29
C VAL B 24 -0.07 -2.48 16.82
N GLN B 25 -0.26 -1.25 16.35
CA GLN B 25 -0.61 -1.03 14.97
C GLN B 25 0.63 -1.05 14.09
N ALA B 26 1.75 -0.67 14.69
CA ALA B 26 3.00 -0.66 13.98
C ALA B 26 3.31 -2.11 13.62
N CYS B 27 3.32 -3.00 14.63
CA CYS B 27 3.60 -4.44 14.42
C CYS B 27 2.70 -5.06 13.37
N GLU B 28 1.41 -4.74 13.42
CA GLU B 28 0.49 -5.30 12.45
C GLU B 28 0.79 -4.81 11.03
N LYS B 29 1.22 -3.56 10.89
CA LYS B 29 1.53 -3.03 9.56
C LYS B 29 2.88 -3.50 9.03
N TYR B 30 3.84 -3.72 9.95
CA TYR B 30 5.15 -4.22 9.55
C TYR B 30 4.89 -5.63 9.02
N TYR B 31 4.03 -6.36 9.71
CA TYR B 31 3.69 -7.72 9.32
C TYR B 31 3.05 -7.76 7.92
N LYS B 32 2.05 -6.92 7.70
CA LYS B 32 1.38 -6.89 6.40
C LYS B 32 2.41 -6.52 5.30
N ALA B 33 3.35 -5.63 5.64
CA ALA B 33 4.39 -5.25 4.68
C ALA B 33 5.19 -6.52 4.36
N ALA B 34 5.58 -7.25 5.40
CA ALA B 34 6.33 -8.50 5.24
C ALA B 34 5.53 -9.44 4.36
N GLU B 35 4.24 -9.52 4.62
CA GLU B 35 3.39 -10.39 3.84
C GLU B 35 3.38 -10.00 2.35
N GLU B 36 3.30 -8.70 2.09
CA GLU B 36 3.25 -8.22 0.72
C GLU B 36 4.58 -8.44 0.00
N ALA B 37 5.67 -8.25 0.73
CA ALA B 37 7.02 -8.45 0.20
C ALA B 37 7.17 -9.89 -0.29
N ILE B 38 6.72 -10.82 0.54
CA ILE B 38 6.81 -12.24 0.20
C ILE B 38 5.97 -12.57 -1.01
N LYS B 39 4.74 -12.04 -1.05
CA LYS B 39 3.87 -12.33 -2.20
C LYS B 39 4.51 -11.87 -3.49
N LEU B 40 5.12 -10.69 -3.46
CA LEU B 40 5.74 -10.14 -4.64
C LEU B 40 6.94 -10.98 -5.05
N LEU B 41 7.74 -11.42 -4.08
CA LEU B 41 8.89 -12.26 -4.39
C LEU B 41 8.42 -13.56 -5.04
N VAL B 42 7.30 -14.08 -4.54
CA VAL B 42 6.74 -15.30 -5.09
C VAL B 42 6.38 -15.13 -6.55
N ILE B 43 5.70 -14.03 -6.86
CA ILE B 43 5.27 -13.75 -8.22
C ILE B 43 6.45 -13.49 -9.13
N GLU B 44 7.37 -12.65 -8.65
CA GLU B 44 8.54 -12.28 -9.42
C GLU B 44 9.50 -13.44 -9.61
N ASN B 45 9.43 -14.45 -8.74
CA ASN B 45 10.31 -15.59 -8.88
C ASN B 45 9.56 -16.78 -9.41
N ASN B 46 8.39 -16.49 -9.96
CA ASN B 46 7.56 -17.50 -10.58
C ASN B 46 7.42 -18.77 -9.74
N LEU B 47 7.20 -18.61 -8.44
CA LEU B 47 7.03 -19.74 -7.56
C LEU B 47 5.59 -20.25 -7.70
N LYS B 48 5.26 -20.79 -8.87
CA LYS B 48 3.92 -21.32 -9.14
C LYS B 48 3.44 -22.33 -8.12
N GLU B 49 4.38 -22.98 -7.43
CA GLU B 49 4.05 -23.97 -6.40
C GLU B 49 3.17 -23.35 -5.31
N ILE B 50 3.48 -22.11 -4.94
CA ILE B 50 2.73 -21.39 -3.92
C ILE B 50 1.46 -20.78 -4.50
N THR B 51 1.59 -20.15 -5.66
CA THR B 51 0.46 -19.51 -6.31
C THR B 51 -0.63 -20.53 -6.62
N ASN B 52 -0.24 -21.75 -6.97
CA ASN B 52 -1.21 -22.79 -7.27
C ASN B 52 -2.07 -23.06 -6.06
N ASN B 53 -1.45 -23.06 -4.89
CA ASN B 53 -2.18 -23.33 -3.65
C ASN B 53 -3.08 -22.13 -3.34
N VAL B 54 -2.54 -20.92 -3.49
CA VAL B 54 -3.31 -19.71 -3.22
C VAL B 54 -4.45 -19.55 -4.23
N LYS B 55 -4.23 -20.03 -5.45
CA LYS B 55 -5.25 -19.95 -6.49
C LYS B 55 -6.32 -21.01 -6.24
N ASN B 56 -6.58 -21.25 -4.96
CA ASN B 56 -7.59 -22.21 -4.51
C ASN B 56 -8.39 -21.49 -3.43
N LYS B 57 -7.89 -20.31 -3.07
CA LYS B 57 -8.52 -19.46 -2.05
C LYS B 57 -8.39 -18.00 -2.48
N GLY B 58 -7.18 -17.47 -2.37
CA GLY B 58 -6.92 -16.09 -2.75
C GLY B 58 -6.81 -15.22 -1.49
N ARG B 59 -6.69 -15.88 -0.33
CA ARG B 59 -6.56 -15.16 0.95
C ARG B 59 -5.14 -15.18 1.48
N TRP B 60 -4.31 -16.05 0.90
CA TRP B 60 -2.93 -16.13 1.31
C TRP B 60 -2.69 -16.48 2.77
N LYS B 61 -3.16 -17.65 3.19
CA LYS B 61 -2.98 -18.09 4.55
C LYS B 61 -1.54 -18.08 5.01
N SER B 62 -1.29 -17.96 6.31
CA SER B 62 0.06 -17.90 6.85
C SER B 62 0.88 -19.12 6.42
N GLU B 63 0.26 -20.29 6.36
CA GLU B 63 0.97 -21.48 5.94
C GLU B 63 1.63 -21.26 4.56
N ASN B 64 0.94 -20.55 3.67
CA ASN B 64 1.48 -20.27 2.33
C ASN B 64 2.72 -19.41 2.45
N LEU B 65 2.65 -18.39 3.31
CA LEU B 65 3.76 -17.46 3.51
C LEU B 65 5.03 -18.15 4.04
N PHE B 66 4.87 -19.07 4.99
CA PHE B 66 6.01 -19.79 5.55
C PHE B 66 6.67 -20.64 4.48
N LYS B 67 5.85 -21.36 3.74
CA LYS B 67 6.34 -22.23 2.68
C LYS B 67 7.10 -21.39 1.65
N ALA B 68 6.48 -20.29 1.22
CA ALA B 68 7.10 -19.41 0.25
C ALA B 68 8.44 -18.93 0.76
N SER B 69 8.52 -18.56 2.04
CA SER B 69 9.77 -18.07 2.61
C SER B 69 10.86 -19.14 2.54
N LYS B 70 10.48 -20.40 2.72
CA LYS B 70 11.43 -21.50 2.65
C LYS B 70 11.92 -21.67 1.22
N LEU B 71 10.98 -21.71 0.28
CA LEU B 71 11.32 -21.86 -1.13
C LEU B 71 12.21 -20.72 -1.62
N LEU B 72 11.91 -19.49 -1.19
CA LEU B 72 12.69 -18.34 -1.59
C LEU B 72 14.11 -18.40 -1.03
N ARG B 73 14.34 -19.29 -0.07
CA ARG B 73 15.66 -19.43 0.50
C ARG B 73 16.71 -19.74 -0.57
N SER B 74 16.36 -20.65 -1.49
CA SER B 74 17.26 -21.06 -2.56
C SER B 74 17.62 -19.89 -3.49
N ASN B 75 16.85 -18.81 -3.41
CA ASN B 75 17.09 -17.62 -4.21
C ASN B 75 17.94 -16.69 -3.32
N ASN B 76 17.53 -16.55 -2.07
CA ASN B 76 18.26 -15.72 -1.10
C ASN B 76 18.16 -16.41 0.26
N THR B 77 19.28 -16.95 0.74
CA THR B 77 19.31 -17.68 2.00
C THR B 77 18.87 -16.88 3.22
N GLU B 78 18.80 -15.56 3.07
CA GLU B 78 18.41 -14.72 4.20
C GLU B 78 16.90 -14.54 4.38
N ILE B 79 16.13 -14.83 3.34
CA ILE B 79 14.70 -14.62 3.42
C ILE B 79 13.92 -15.31 4.56
N PRO B 80 14.23 -16.59 4.85
CA PRO B 80 13.50 -17.26 5.94
C PRO B 80 13.77 -16.60 7.31
N ILE B 81 14.92 -15.97 7.46
CA ILE B 81 15.30 -15.33 8.70
C ILE B 81 14.55 -14.02 8.88
N LEU B 82 14.40 -13.26 7.80
CA LEU B 82 13.67 -12.01 7.89
C LEU B 82 12.23 -12.39 8.21
N TRP B 83 11.72 -13.40 7.50
CA TRP B 83 10.36 -13.83 7.71
C TRP B 83 10.07 -14.15 9.18
N LYS B 84 11.03 -14.79 9.83
CA LYS B 84 10.90 -15.16 11.24
C LYS B 84 10.64 -13.90 12.06
N SER B 85 11.44 -12.86 11.83
CA SER B 85 11.30 -11.60 12.54
C SER B 85 9.92 -10.97 12.29
N ALA B 86 9.43 -11.14 11.08
CA ALA B 86 8.10 -10.62 10.72
C ALA B 86 7.02 -11.37 11.51
N TRP B 87 7.08 -12.69 11.51
CA TRP B 87 6.09 -13.51 12.23
C TRP B 87 6.12 -13.17 13.72
N THR B 88 7.31 -12.94 14.24
CA THR B 88 7.46 -12.59 15.65
C THR B 88 6.79 -11.26 15.96
N LEU B 89 6.89 -10.29 15.05
CA LEU B 89 6.23 -9.01 15.27
C LEU B 89 4.74 -9.28 15.32
N HIS B 90 4.27 -10.11 14.39
CA HIS B 90 2.86 -10.47 14.29
C HIS B 90 2.31 -11.16 15.53
N VAL B 91 3.06 -12.12 16.07
CA VAL B 91 2.62 -12.85 17.24
C VAL B 91 2.64 -12.00 18.50
N GLU B 92 3.74 -11.28 18.72
CA GLU B 92 3.86 -10.42 19.89
C GLU B 92 2.78 -9.36 19.89
N GLY B 93 2.52 -8.79 18.71
CA GLY B 93 1.51 -7.76 18.59
C GLY B 93 0.13 -8.32 18.87
N PHE B 94 -0.05 -9.59 18.54
CA PHE B 94 -1.28 -10.30 18.76
C PHE B 94 -1.60 -10.39 20.26
N HIS B 95 -0.60 -10.75 21.05
CA HIS B 95 -0.77 -10.90 22.49
C HIS B 95 -0.84 -9.57 23.23
N GLU B 96 -0.74 -8.48 22.49
CA GLU B 96 -0.83 -7.14 23.05
C GLU B 96 -0.12 -6.96 24.39
N LEU B 97 1.04 -7.60 24.54
CA LEU B 97 1.83 -7.49 25.77
C LEU B 97 3.28 -7.82 25.45
N SER B 98 4.16 -7.57 26.42
CA SER B 98 5.59 -7.84 26.24
C SER B 98 6.21 -7.03 25.11
N LEU B 99 5.43 -6.12 24.54
CA LEU B 99 5.88 -5.29 23.44
C LEU B 99 6.88 -4.20 23.86
N ASN B 100 8.10 -4.27 23.33
CA ASN B 100 9.12 -3.27 23.65
C ASN B 100 9.54 -2.45 22.42
N GLU B 101 9.52 -1.13 22.57
CA GLU B 101 9.89 -0.20 21.50
C GLU B 101 11.21 -0.58 20.84
N LYS B 102 12.26 -0.73 21.64
CA LYS B 102 13.59 -1.08 21.15
C LYS B 102 13.67 -2.41 20.40
N GLU B 103 12.85 -3.37 20.81
CA GLU B 103 12.87 -4.67 20.15
C GLU B 103 12.07 -4.67 18.85
N VAL B 104 10.97 -3.93 18.84
CA VAL B 104 10.13 -3.82 17.65
C VAL B 104 10.99 -3.24 16.56
N LYS B 105 11.75 -2.21 16.90
CA LYS B 105 12.64 -1.55 15.95
C LYS B 105 13.64 -2.54 15.41
N LYS B 106 14.21 -3.35 16.29
CA LYS B 106 15.20 -4.33 15.88
C LYS B 106 14.61 -5.29 14.84
N LEU B 107 13.41 -5.79 15.12
CA LEU B 107 12.74 -6.72 14.23
C LEU B 107 12.26 -6.09 12.92
N LYS B 108 11.68 -4.90 13.00
CA LYS B 108 11.18 -4.24 11.80
C LYS B 108 12.28 -3.91 10.82
N GLU B 109 13.52 -3.83 11.29
CA GLU B 109 14.64 -3.57 10.38
C GLU B 109 14.76 -4.77 9.44
N ASP B 110 14.44 -5.96 9.95
CA ASP B 110 14.50 -7.15 9.10
C ASP B 110 13.36 -7.09 8.08
N VAL B 111 12.21 -6.57 8.52
CA VAL B 111 11.07 -6.41 7.63
C VAL B 111 11.48 -5.46 6.49
N ARG B 112 12.23 -4.43 6.86
CA ARG B 112 12.69 -3.47 5.87
C ARG B 112 13.52 -4.17 4.80
N LYS B 113 14.53 -4.94 5.22
CA LYS B 113 15.39 -5.65 4.26
C LYS B 113 14.56 -6.57 3.35
N LEU B 114 13.50 -7.16 3.89
CA LEU B 114 12.66 -8.05 3.08
C LEU B 114 11.91 -7.25 2.02
N VAL B 115 11.42 -6.09 2.43
CA VAL B 115 10.70 -5.21 1.53
C VAL B 115 11.59 -4.80 0.36
N ILE B 116 12.77 -4.25 0.67
CA ILE B 116 13.70 -3.83 -0.37
C ILE B 116 14.10 -5.01 -1.27
N PHE B 117 14.20 -6.21 -0.69
CA PHE B 117 14.52 -7.37 -1.51
C PHE B 117 13.40 -7.55 -2.51
N ALA B 118 12.16 -7.48 -2.06
CA ALA B 118 11.00 -7.66 -2.94
C ALA B 118 10.93 -6.55 -3.98
N VAL B 119 11.22 -5.34 -3.57
CA VAL B 119 11.19 -4.22 -4.50
C VAL B 119 12.26 -4.42 -5.57
N ASN B 120 13.43 -4.93 -5.18
CA ASN B 120 14.51 -5.15 -6.14
C ASN B 120 14.28 -6.30 -7.11
N SER B 121 13.56 -7.33 -6.67
CA SER B 121 13.30 -8.49 -7.53
C SER B 121 12.48 -8.05 -8.72
N LEU B 122 11.85 -6.94 -8.54
CA LEU B 122 10.98 -6.41 -9.57
C LEU B 122 11.69 -6.11 -10.90
N GLU B 123 13.02 -6.16 -10.91
CA GLU B 123 13.74 -5.84 -12.14
C GLU B 123 14.54 -6.90 -12.89
N HIS B 124 15.81 -7.07 -12.55
CA HIS B 124 16.68 -8.02 -13.26
C HIS B 124 16.31 -9.50 -13.08
#